data_1LX5
#
_entry.id   1LX5
#
_cell.length_a   140.920
_cell.length_b   140.920
_cell.length_c   90.810
_cell.angle_alpha   90.00
_cell.angle_beta   90.00
_cell.angle_gamma   120.00
#
_symmetry.space_group_name_H-M   'P 62 2 2'
#
loop_
_entity.id
_entity.type
_entity.pdbx_description
1 polymer 'bone morphogenetic protein 7'
2 polymer 'Activin Type II Receptor'
3 branched alpha-D-mannopyranose-(1-3)-[beta-D-mannopyranose-(1-4)][alpha-D-mannopyranose-(1-6)]beta-D-mannopyranose-(1-4)-2-acetamido-2-deoxy-beta-D-glucopyranose-(1-4)-2-acetamido-2-deoxy-beta-D-glucopyranose
4 non-polymer 2-acetamido-2-deoxy-beta-D-glucopyranose
#
loop_
_entity_poly.entity_id
_entity_poly.type
_entity_poly.pdbx_seq_one_letter_code
_entity_poly.pdbx_strand_id
1 'polypeptide(L)'
;STGSKQRSQNRSKTPKNQEALRMANVAENSSSDQRQACKKHELYVSFRDLGWQDWIIAPEGYAAYYCEGECAFPLNSYMN
ATNHAIVQTLVHFINPETVPKPCCAPTQLNAISVLYFDDSSNVILKKYRNMVVRACGCH
;
A
2 'polypeptide(L)'
;AILGRSETQECLFFNANWERDRTNQTGVEPCYGDKDKRRHCFATWKNISGSIEIVKQGCWLDDINCYDRTDCIEKKDSPE
VYFCCCEGNMCNEKFSYFPEME
;
B
#
loop_
_chem_comp.id
_chem_comp.type
_chem_comp.name
_chem_comp.formula
BMA D-saccharide, beta linking beta-D-mannopyranose 'C6 H12 O6'
MAN D-saccharide, alpha linking alpha-D-mannopyranose 'C6 H12 O6'
NAG D-saccharide, beta linking 2-acetamido-2-deoxy-beta-D-glucopyranose 'C8 H15 N O6'
#
# COMPACT_ATOMS: atom_id res chain seq x y z
N GLN A 36 -26.19 0.39 5.98
CA GLN A 36 -26.44 -0.19 7.32
C GLN A 36 -25.64 -1.41 7.67
N ALA A 37 -25.62 -2.46 6.84
CA ALA A 37 -24.90 -3.70 7.19
C ALA A 37 -23.48 -3.35 7.26
N CYS A 38 -22.64 -4.15 7.89
CA CYS A 38 -21.22 -3.88 8.01
C CYS A 38 -20.68 -4.05 6.62
N LYS A 39 -19.87 -3.12 6.12
CA LYS A 39 -19.36 -3.19 4.73
C LYS A 39 -18.01 -2.46 4.72
N LYS A 40 -17.10 -2.71 3.76
CA LYS A 40 -15.81 -1.98 3.64
C LYS A 40 -16.23 -0.78 2.89
N HIS A 41 -15.65 0.38 3.11
CA HIS A 41 -16.04 1.58 2.38
C HIS A 41 -14.80 2.21 1.96
N GLU A 42 -14.80 3.05 0.92
CA GLU A 42 -13.55 3.70 0.46
C GLU A 42 -13.09 4.82 1.31
N LEU A 43 -11.79 5.05 1.32
CA LEU A 43 -11.21 6.15 2.04
C LEU A 43 -9.81 6.21 1.49
N TYR A 44 -9.41 7.32 0.85
CA TYR A 44 -8.02 7.52 0.45
C TYR A 44 -7.25 8.37 1.41
N VAL A 45 -6.21 7.85 1.97
CA VAL A 45 -5.48 8.80 2.74
C VAL A 45 -4.45 9.53 1.90
N SER A 46 -4.21 10.77 2.30
CA SER A 46 -3.16 11.52 1.69
C SER A 46 -2.12 11.96 2.68
N PHE A 47 -0.92 11.45 2.51
CA PHE A 47 0.13 11.81 3.39
C PHE A 47 0.32 13.32 3.42
N ARG A 48 0.08 14.05 2.30
CA ARG A 48 0.11 15.52 2.35
C ARG A 48 -0.73 15.87 3.54
N ASP A 49 -2.02 15.74 3.35
CA ASP A 49 -2.97 16.05 4.39
C ASP A 49 -2.60 15.51 5.69
N LEU A 50 -2.02 14.34 5.71
CA LEU A 50 -1.75 13.76 6.99
C LEU A 50 -0.71 14.54 7.64
N GLY A 51 -0.02 15.37 6.86
CA GLY A 51 1.04 16.20 7.37
C GLY A 51 2.38 15.65 6.99
N TRP A 52 2.38 14.42 6.63
CA TRP A 52 3.67 13.80 6.44
C TRP A 52 4.34 14.08 5.10
N GLN A 53 3.93 15.12 4.40
CA GLN A 53 4.42 15.18 3.02
C GLN A 53 5.93 15.26 2.85
N ASP A 54 6.66 15.86 3.78
CA ASP A 54 8.09 16.00 3.54
C ASP A 54 8.93 14.75 3.84
N TRP A 55 8.34 13.72 4.38
CA TRP A 55 9.19 12.63 4.80
C TRP A 55 8.93 11.41 3.96
N ILE A 56 7.68 11.22 3.56
CA ILE A 56 7.44 10.08 2.72
C ILE A 56 7.74 10.51 1.29
N ILE A 57 8.37 9.68 0.48
CA ILE A 57 8.69 10.14 -0.84
C ILE A 57 7.67 9.64 -1.75
N ALA A 58 7.09 8.53 -1.31
CA ALA A 58 6.07 7.88 -2.11
C ALA A 58 5.51 6.85 -1.20
N PRO A 59 4.20 6.56 -1.34
CA PRO A 59 3.37 7.18 -2.36
C PRO A 59 2.82 8.47 -1.83
N GLU A 60 1.97 9.17 -2.58
CA GLU A 60 1.45 10.45 -2.12
C GLU A 60 0.26 10.25 -1.12
N GLY A 61 -0.31 9.05 -1.18
CA GLY A 61 -1.48 8.74 -0.41
C GLY A 61 -1.90 7.38 -0.86
N TYR A 62 -2.83 6.75 -0.16
CA TYR A 62 -3.12 5.40 -0.53
C TYR A 62 -4.55 5.06 -0.34
N ALA A 63 -4.99 3.98 -0.99
CA ALA A 63 -6.32 3.50 -0.78
C ALA A 63 -6.31 2.69 0.51
N ALA A 64 -6.85 3.24 1.56
CA ALA A 64 -6.86 2.65 2.87
C ALA A 64 -8.19 1.95 3.27
N TYR A 65 -9.30 2.63 3.08
CA TYR A 65 -10.57 2.00 3.34
C TYR A 65 -10.86 1.91 4.80
N TYR A 66 -11.99 1.35 5.14
CA TYR A 66 -12.45 1.26 6.56
C TYR A 66 -13.73 0.57 6.58
N CYS A 67 -14.01 -0.03 7.71
CA CYS A 67 -15.21 -0.78 7.90
C CYS A 67 -16.17 0.06 8.58
N GLU A 68 -17.39 -0.31 8.49
CA GLU A 68 -18.40 0.47 9.15
C GLU A 68 -19.68 -0.19 8.77
N GLY A 69 -20.62 -0.23 9.71
CA GLY A 69 -21.93 -0.90 9.50
C GLY A 69 -22.51 -1.67 10.67
N GLU A 70 -23.79 -1.97 10.74
CA GLU A 70 -24.28 -2.65 11.91
C GLU A 70 -23.94 -4.08 11.78
N CYS A 71 -23.91 -4.80 12.86
CA CYS A 71 -23.60 -6.20 12.76
C CYS A 71 -24.67 -6.97 13.44
N ALA A 72 -25.89 -7.12 12.92
CA ALA A 72 -26.92 -7.76 13.78
C ALA A 72 -27.61 -9.12 13.48
N PHE A 73 -28.33 -9.52 14.52
CA PHE A 73 -29.24 -10.60 14.59
C PHE A 73 -29.94 -10.61 13.24
N PRO A 74 -30.05 -11.76 12.54
CA PRO A 74 -29.37 -13.03 12.83
C PRO A 74 -28.18 -12.79 11.94
N LEU A 75 -26.99 -12.82 12.49
CA LEU A 75 -25.82 -12.42 11.76
C LEU A 75 -25.42 -13.42 10.73
N ASN A 76 -25.57 -13.12 9.46
CA ASN A 76 -25.32 -14.16 8.48
C ASN A 76 -23.91 -14.31 7.98
N SER A 77 -23.81 -15.03 6.86
CA SER A 77 -22.59 -15.09 6.09
C SER A 77 -22.25 -13.65 5.69
N TYR A 78 -21.12 -13.46 5.04
CA TYR A 78 -20.76 -12.11 4.61
C TYR A 78 -20.78 -11.14 5.79
N MET A 79 -20.46 -11.58 7.00
CA MET A 79 -20.33 -10.67 8.11
C MET A 79 -19.09 -11.24 8.72
N ASN A 80 -18.53 -12.22 8.03
CA ASN A 80 -17.31 -12.84 8.47
C ASN A 80 -17.15 -12.72 9.94
N ALA A 81 -18.10 -13.24 10.68
CA ALA A 81 -18.08 -13.16 12.12
C ALA A 81 -17.39 -14.29 12.81
N THR A 82 -16.90 -14.06 14.03
CA THR A 82 -16.35 -15.16 14.85
C THR A 82 -17.35 -15.77 15.82
N ASN A 83 -17.12 -17.03 16.21
CA ASN A 83 -18.07 -17.59 17.12
C ASN A 83 -18.19 -16.60 18.19
N HIS A 84 -17.05 -16.05 18.67
CA HIS A 84 -17.17 -15.19 19.83
C HIS A 84 -18.19 -14.15 19.58
N ALA A 85 -18.39 -13.87 18.31
CA ALA A 85 -19.26 -12.82 17.87
C ALA A 85 -20.73 -13.28 17.80
N ILE A 86 -20.92 -14.54 17.55
CA ILE A 86 -22.26 -14.95 17.35
C ILE A 86 -22.81 -15.03 18.74
N VAL A 87 -21.97 -15.55 19.63
CA VAL A 87 -22.47 -15.70 20.98
C VAL A 87 -22.83 -14.35 21.48
N GLN A 88 -21.89 -13.44 21.41
CA GLN A 88 -22.14 -12.12 21.90
C GLN A 88 -23.27 -11.40 21.25
N THR A 89 -23.38 -11.54 19.96
CA THR A 89 -24.66 -11.21 19.38
C THR A 89 -25.86 -11.81 20.11
N LEU A 90 -26.00 -13.13 20.32
CA LEU A 90 -27.25 -13.50 21.00
C LEU A 90 -27.26 -12.96 22.40
N VAL A 91 -26.11 -12.97 23.03
CA VAL A 91 -26.16 -12.54 24.39
C VAL A 91 -26.84 -11.24 24.31
N HIS A 92 -26.34 -10.33 23.49
CA HIS A 92 -27.01 -9.05 23.36
C HIS A 92 -28.54 -9.14 23.34
N PHE A 93 -29.00 -9.91 22.37
CA PHE A 93 -30.37 -10.02 21.96
C PHE A 93 -31.30 -10.42 23.08
N ILE A 94 -30.77 -11.14 24.04
CA ILE A 94 -31.42 -11.49 25.29
C ILE A 94 -31.15 -10.19 26.02
N ASN A 95 -30.07 -10.00 26.77
CA ASN A 95 -29.97 -8.72 27.44
C ASN A 95 -29.09 -7.61 26.91
N PRO A 96 -29.63 -6.87 25.96
CA PRO A 96 -28.92 -5.83 25.23
C PRO A 96 -28.40 -4.96 26.28
N GLU A 97 -28.77 -5.22 27.51
CA GLU A 97 -28.28 -4.36 28.55
C GLU A 97 -26.86 -4.75 28.99
N THR A 98 -26.48 -5.98 28.65
CA THR A 98 -25.17 -6.48 29.08
C THR A 98 -24.02 -6.23 28.17
N VAL A 99 -23.87 -7.07 27.20
CA VAL A 99 -22.83 -6.79 26.27
C VAL A 99 -23.39 -6.03 25.05
N PRO A 100 -22.60 -5.18 24.42
CA PRO A 100 -23.01 -4.49 23.18
C PRO A 100 -23.02 -5.40 22.00
N LYS A 101 -23.49 -4.94 20.86
CA LYS A 101 -23.27 -5.72 19.64
C LYS A 101 -21.81 -5.61 19.21
N PRO A 102 -21.32 -6.60 18.58
CA PRO A 102 -19.96 -6.61 18.06
C PRO A 102 -19.63 -5.50 17.08
N CYS A 103 -18.38 -5.12 16.79
CA CYS A 103 -18.13 -4.06 15.86
C CYS A 103 -17.51 -4.62 14.63
N CYS A 104 -17.87 -4.04 13.50
CA CYS A 104 -17.49 -4.33 12.12
C CYS A 104 -16.13 -3.76 12.01
N ALA A 105 -15.17 -4.47 11.56
CA ALA A 105 -13.85 -3.98 11.71
C ALA A 105 -13.15 -4.96 10.86
N PRO A 106 -12.01 -4.61 10.37
CA PRO A 106 -11.28 -5.41 9.41
C PRO A 106 -10.91 -6.78 9.89
N THR A 107 -10.84 -7.74 8.97
CA THR A 107 -10.45 -9.09 9.28
C THR A 107 -9.32 -9.44 8.30
N GLN A 108 -9.00 -8.50 7.43
CA GLN A 108 -8.06 -8.81 6.42
C GLN A 108 -7.51 -7.49 5.88
N LEU A 109 -6.21 -7.34 6.07
CA LEU A 109 -5.47 -6.14 5.79
C LEU A 109 -4.25 -6.41 4.93
N ASN A 110 -3.91 -5.47 4.03
CA ASN A 110 -2.72 -5.58 3.17
C ASN A 110 -1.63 -4.61 3.52
N ALA A 111 -0.38 -4.88 3.15
CA ALA A 111 0.70 -3.93 3.40
C ALA A 111 0.83 -3.00 2.23
N ILE A 112 1.45 -1.85 2.39
CA ILE A 112 1.77 -1.13 1.22
C ILE A 112 3.21 -0.84 1.27
N SER A 113 3.74 -0.28 0.23
CA SER A 113 5.14 0.03 0.33
C SER A 113 5.26 1.51 0.59
N VAL A 114 6.31 1.91 1.27
CA VAL A 114 6.63 3.32 1.16
C VAL A 114 8.09 3.55 1.06
N LEU A 115 8.38 4.76 0.61
CA LEU A 115 9.70 5.20 0.36
C LEU A 115 9.82 6.43 1.09
N TYR A 116 10.69 6.47 2.06
CA TYR A 116 10.81 7.69 2.78
C TYR A 116 12.25 8.04 3.08
N PHE A 117 12.48 9.22 3.63
CA PHE A 117 13.86 9.58 3.93
C PHE A 117 14.19 9.24 5.40
N ASP A 118 15.45 8.97 5.71
CA ASP A 118 15.84 8.62 7.04
C ASP A 118 16.49 9.85 7.60
N ASP A 119 16.69 9.93 8.93
CA ASP A 119 17.41 11.03 9.60
C ASP A 119 18.54 11.50 8.74
N SER A 120 19.36 10.58 8.19
CA SER A 120 20.54 10.90 7.35
C SER A 120 20.16 11.14 5.94
N SER A 121 18.89 11.18 5.70
CA SER A 121 18.48 11.53 4.37
C SER A 121 18.85 10.48 3.33
N ASN A 122 19.01 9.27 3.80
CA ASN A 122 19.15 8.22 2.88
C ASN A 122 17.76 7.91 2.45
N VAL A 123 17.62 7.44 1.21
CA VAL A 123 16.31 7.02 0.76
C VAL A 123 16.06 5.60 1.25
N ILE A 124 14.86 5.36 1.75
CA ILE A 124 14.55 4.05 2.32
C ILE A 124 13.15 3.46 1.98
N LEU A 125 13.11 2.15 1.77
CA LEU A 125 11.92 1.49 1.26
C LEU A 125 11.55 0.52 2.27
N LYS A 126 10.30 0.41 2.64
CA LYS A 126 10.00 -0.50 3.72
C LYS A 126 8.60 -0.85 3.45
N LYS A 127 8.16 -2.05 3.75
CA LYS A 127 6.75 -2.28 3.46
C LYS A 127 5.97 -2.25 4.76
N TYR A 128 4.83 -1.60 4.82
CA TYR A 128 4.14 -1.56 6.06
C TYR A 128 3.00 -2.50 6.15
N ARG A 129 3.09 -3.36 7.17
CA ARG A 129 2.10 -4.38 7.38
C ARG A 129 0.74 -3.73 7.81
N ASN A 130 -0.35 -4.38 7.48
CA ASN A 130 -1.68 -3.89 7.83
C ASN A 130 -2.03 -2.49 7.63
N MET A 131 -1.98 -1.99 6.41
CA MET A 131 -2.42 -0.62 6.17
C MET A 131 -3.65 -0.66 5.29
N VAL A 132 -3.94 -1.77 4.65
CA VAL A 132 -5.07 -1.66 3.76
C VAL A 132 -6.15 -2.63 4.05
N VAL A 133 -7.36 -2.19 3.96
CA VAL A 133 -8.33 -3.07 4.48
C VAL A 133 -8.77 -3.91 3.39
N ARG A 134 -8.62 -5.23 3.49
CA ARG A 134 -9.05 -6.06 2.34
C ARG A 134 -10.45 -6.47 2.51
N ALA A 135 -10.83 -6.80 3.75
CA ALA A 135 -12.21 -7.22 4.01
C ALA A 135 -12.60 -6.96 5.43
N CYS A 136 -13.92 -6.75 5.68
CA CYS A 136 -14.49 -6.44 7.02
C CYS A 136 -15.27 -7.56 7.65
N GLY A 137 -15.68 -7.43 8.89
CA GLY A 137 -16.48 -8.46 9.51
C GLY A 137 -16.99 -8.26 10.95
N CYS A 138 -17.66 -9.23 11.58
CA CYS A 138 -18.08 -8.96 12.95
C CYS A 138 -17.13 -9.49 13.97
N HIS A 139 -16.79 -8.62 14.93
CA HIS A 139 -15.82 -8.96 16.00
C HIS A 139 -16.25 -8.87 17.47
N GLU B 7 -0.35 -8.02 -16.28
CA GLU B 7 0.25 -8.17 -14.91
C GLU B 7 1.80 -8.13 -14.88
N THR B 8 2.38 -8.13 -13.67
CA THR B 8 3.81 -7.90 -13.37
C THR B 8 4.47 -9.03 -12.55
N GLN B 9 5.37 -9.82 -13.11
CA GLN B 9 5.88 -10.89 -12.27
C GLN B 9 7.21 -10.50 -11.76
N GLU B 10 7.80 -9.52 -12.42
CA GLU B 10 9.13 -9.14 -12.05
C GLU B 10 9.53 -7.74 -12.49
N CYS B 11 10.46 -7.19 -11.73
CA CYS B 11 10.93 -5.89 -11.96
C CYS B 11 12.40 -5.94 -12.02
N LEU B 12 12.94 -4.84 -12.49
CA LEU B 12 14.35 -4.64 -12.54
C LEU B 12 14.58 -4.17 -11.14
N PHE B 13 15.61 -4.69 -10.50
CA PHE B 13 15.92 -4.35 -9.13
C PHE B 13 17.24 -3.67 -9.06
N PHE B 14 17.34 -2.58 -8.27
CA PHE B 14 18.64 -1.97 -8.10
C PHE B 14 18.68 -1.45 -6.79
N ASN B 15 19.78 -1.59 -6.07
CA ASN B 15 19.85 -1.00 -4.73
C ASN B 15 21.15 -0.24 -4.45
N ALA B 16 21.03 1.08 -4.40
CA ALA B 16 22.18 1.93 -4.15
C ALA B 16 22.87 1.49 -2.93
N ASN B 17 22.06 1.10 -2.00
CA ASN B 17 22.55 0.85 -0.69
C ASN B 17 22.82 -0.61 -0.47
N TRP B 18 23.09 -1.31 -1.57
CA TRP B 18 23.36 -2.74 -1.50
C TRP B 18 24.41 -3.23 -0.52
N GLU B 19 25.50 -2.47 -0.34
CA GLU B 19 26.58 -2.89 0.59
C GLU B 19 26.12 -2.99 2.07
N ARG B 20 25.46 -1.94 2.53
CA ARG B 20 24.95 -1.92 3.89
C ARG B 20 23.71 -2.81 4.03
N ASP B 21 22.88 -2.90 3.01
CA ASP B 21 21.66 -3.68 3.12
C ASP B 21 21.92 -5.13 2.91
N ARG B 22 23.11 -5.48 2.43
CA ARG B 22 23.38 -6.87 2.09
C ARG B 22 22.43 -7.50 1.03
N THR B 23 22.18 -6.79 -0.05
CA THR B 23 21.38 -7.37 -1.07
C THR B 23 22.32 -7.31 -2.17
N ASN B 24 21.91 -7.80 -3.33
CA ASN B 24 22.79 -7.69 -4.45
C ASN B 24 22.61 -6.30 -4.87
N GLN B 25 23.38 -5.84 -5.80
CA GLN B 25 23.16 -4.50 -6.26
C GLN B 25 22.13 -4.41 -7.38
N THR B 26 22.12 -5.36 -8.32
CA THR B 26 21.05 -5.43 -9.35
C THR B 26 20.65 -6.84 -9.53
N GLY B 27 19.66 -7.03 -10.38
CA GLY B 27 19.14 -8.33 -10.74
C GLY B 27 17.65 -8.21 -10.97
N VAL B 28 16.97 -9.31 -11.21
CA VAL B 28 15.56 -9.12 -11.37
C VAL B 28 14.85 -9.53 -10.12
N GLU B 29 13.88 -8.76 -9.70
CA GLU B 29 13.20 -9.14 -8.49
C GLU B 29 11.83 -9.67 -8.80
N PRO B 30 11.50 -10.79 -8.23
CA PRO B 30 10.17 -11.36 -8.40
C PRO B 30 9.14 -10.56 -7.57
N CYS B 31 8.06 -10.17 -8.22
CA CYS B 31 7.00 -9.45 -7.58
C CYS B 31 6.16 -10.30 -6.72
N TYR B 32 6.29 -11.60 -6.83
CA TYR B 32 5.40 -12.49 -6.09
C TYR B 32 3.95 -12.04 -6.31
N GLY B 33 3.70 -11.51 -7.53
CA GLY B 33 2.38 -11.06 -7.94
C GLY B 33 1.48 -12.23 -8.34
N ASP B 34 0.59 -12.63 -7.42
CA ASP B 34 -0.39 -13.68 -7.68
C ASP B 34 -1.85 -13.26 -7.34
N LYS B 35 -2.61 -13.07 -8.41
CA LYS B 35 -4.04 -12.71 -8.43
C LYS B 35 -4.82 -12.70 -7.10
N ASP B 36 -4.62 -11.64 -6.33
CA ASP B 36 -5.37 -11.37 -5.10
C ASP B 36 -5.05 -9.90 -5.01
N LYS B 37 -3.76 -9.64 -4.86
CA LYS B 37 -3.24 -8.30 -4.87
C LYS B 37 -2.28 -8.11 -6.06
N ARG B 38 -2.32 -6.90 -6.62
CA ARG B 38 -1.46 -6.46 -7.69
C ARG B 38 -0.03 -6.18 -7.23
N ARG B 39 0.87 -6.05 -8.20
CA ARG B 39 2.23 -5.67 -7.90
C ARG B 39 2.69 -4.76 -8.99
N HIS B 40 3.61 -3.86 -8.69
CA HIS B 40 4.16 -3.04 -9.74
C HIS B 40 5.67 -3.00 -9.59
N CYS B 41 6.31 -2.21 -10.45
CA CYS B 41 7.73 -1.97 -10.35
C CYS B 41 7.81 -0.54 -10.03
N PHE B 42 8.94 -0.10 -9.53
CA PHE B 42 9.12 1.31 -9.34
C PHE B 42 10.55 1.65 -9.56
N ALA B 43 10.77 2.95 -9.60
CA ALA B 43 12.11 3.44 -9.71
C ALA B 43 12.22 4.79 -9.10
N THR B 44 13.31 4.98 -8.39
CA THR B 44 13.52 6.23 -7.72
C THR B 44 14.97 6.58 -8.01
N TRP B 45 15.17 7.84 -8.39
CA TRP B 45 16.49 8.22 -8.72
C TRP B 45 16.62 9.66 -8.53
N LYS B 46 17.86 10.09 -8.47
CA LYS B 46 18.19 11.47 -8.31
C LYS B 46 18.59 12.05 -9.68
N ASN B 47 18.42 13.37 -9.87
CA ASN B 47 18.70 13.98 -11.17
C ASN B 47 19.66 15.18 -11.11
N ILE B 48 20.87 14.96 -10.64
CA ILE B 48 21.69 16.11 -10.48
C ILE B 48 21.91 16.70 -11.82
N SER B 49 21.11 17.72 -12.11
CA SER B 49 21.22 18.50 -13.34
C SER B 49 21.45 17.62 -14.53
N GLY B 50 20.40 16.90 -14.91
CA GLY B 50 20.50 16.05 -16.08
C GLY B 50 21.44 14.89 -15.83
N SER B 51 22.27 14.94 -14.81
CA SER B 51 23.03 13.75 -14.53
C SER B 51 22.07 13.00 -13.67
N ILE B 52 21.92 11.69 -13.98
CA ILE B 52 20.98 10.75 -13.28
C ILE B 52 21.58 9.51 -12.61
N GLU B 53 21.29 9.35 -11.32
CA GLU B 53 21.78 8.20 -10.56
C GLU B 53 20.61 7.53 -9.94
N ILE B 54 20.55 6.22 -10.09
CA ILE B 54 19.40 5.48 -9.60
C ILE B 54 19.60 5.25 -8.11
N VAL B 55 18.57 5.43 -7.31
CA VAL B 55 18.69 5.12 -5.90
C VAL B 55 18.12 3.77 -5.65
N LYS B 56 16.86 3.57 -6.06
CA LYS B 56 16.29 2.24 -5.96
C LYS B 56 15.37 1.94 -7.09
N GLN B 57 15.19 0.65 -7.33
CA GLN B 57 14.36 0.11 -8.39
C GLN B 57 13.89 -1.28 -7.98
N GLY B 58 12.58 -1.50 -7.96
CA GLY B 58 12.09 -2.79 -7.56
C GLY B 58 10.62 -3.08 -7.81
N CYS B 59 10.07 -4.05 -7.06
CA CYS B 59 8.68 -4.42 -7.11
C CYS B 59 8.04 -3.47 -6.14
N TRP B 60 6.74 -3.34 -6.18
CA TRP B 60 6.07 -2.34 -5.34
C TRP B 60 4.60 -2.74 -4.98
N LEU B 61 4.34 -3.19 -3.78
CA LEU B 61 2.99 -3.58 -3.44
C LEU B 61 1.88 -2.72 -4.09
N ASP B 62 0.74 -3.32 -4.39
CA ASP B 62 -0.45 -2.64 -4.90
C ASP B 62 -0.61 -1.21 -4.42
N ASP B 63 -0.70 -0.30 -5.37
CA ASP B 63 -0.81 1.11 -5.14
C ASP B 63 -1.78 1.70 -6.12
N ILE B 64 -2.90 2.14 -5.64
CA ILE B 64 -3.86 2.67 -6.57
C ILE B 64 -3.31 3.84 -7.37
N ASN B 65 -2.12 4.32 -7.10
CA ASN B 65 -1.65 5.42 -7.91
C ASN B 65 -1.02 4.91 -9.11
N CYS B 66 -0.35 3.79 -9.05
CA CYS B 66 0.14 3.29 -10.33
C CYS B 66 -0.64 2.13 -10.83
N TYR B 67 -1.92 2.41 -11.10
CA TYR B 67 -2.85 1.45 -11.66
C TYR B 67 -2.91 1.91 -13.06
N ASP B 68 -2.97 0.99 -14.01
CA ASP B 68 -3.09 1.42 -15.38
C ASP B 68 -1.95 2.33 -15.80
N ARG B 69 -0.73 1.95 -15.48
CA ARG B 69 0.44 2.72 -15.91
C ARG B 69 1.49 1.80 -16.53
N THR B 70 1.88 2.10 -17.75
CA THR B 70 2.75 1.20 -18.47
C THR B 70 4.07 1.83 -18.82
N ASP B 71 4.20 3.10 -18.42
CA ASP B 71 5.44 3.87 -18.57
C ASP B 71 5.65 4.57 -17.24
N CYS B 72 6.90 4.81 -16.90
CA CYS B 72 7.31 5.45 -15.67
C CYS B 72 7.61 6.93 -15.93
N ILE B 73 6.65 7.79 -15.77
CA ILE B 73 6.94 9.19 -15.96
C ILE B 73 6.66 9.78 -14.58
N GLU B 74 7.50 10.64 -14.08
CA GLU B 74 7.25 11.20 -12.80
C GLU B 74 6.62 12.54 -13.03
N LYS B 75 5.61 12.97 -12.26
CA LYS B 75 5.00 14.25 -12.59
C LYS B 75 5.14 15.43 -11.60
N LYS B 76 5.98 15.27 -10.59
CA LYS B 76 6.12 16.29 -9.56
C LYS B 76 7.14 17.35 -9.90
N ASP B 77 6.88 18.61 -9.60
CA ASP B 77 7.81 19.65 -10.02
C ASP B 77 9.13 19.64 -9.23
N SER B 78 10.24 19.51 -9.94
CA SER B 78 11.55 19.60 -9.34
C SER B 78 11.67 18.86 -8.02
N PRO B 79 11.40 17.56 -7.99
CA PRO B 79 11.52 16.79 -6.75
C PRO B 79 12.93 16.58 -6.23
N GLU B 80 13.01 16.56 -4.91
CA GLU B 80 14.24 16.25 -4.23
C GLU B 80 14.63 14.88 -4.74
N VAL B 81 13.72 13.91 -4.78
CA VAL B 81 14.02 12.58 -5.32
C VAL B 81 12.98 12.20 -6.35
N TYR B 82 13.35 11.59 -7.46
CA TYR B 82 12.30 11.22 -8.39
C TYR B 82 11.95 9.80 -8.12
N PHE B 83 10.64 9.57 -8.11
CA PHE B 83 10.08 8.25 -7.95
C PHE B 83 8.99 8.05 -8.98
N CYS B 84 8.89 6.86 -9.58
CA CYS B 84 7.77 6.51 -10.47
C CYS B 84 7.44 5.01 -10.42
N CYS B 85 6.19 4.63 -10.65
CA CYS B 85 5.95 3.19 -10.80
C CYS B 85 5.10 2.86 -11.99
N CYS B 86 5.13 1.64 -12.44
CA CYS B 86 4.32 1.32 -13.57
C CYS B 86 3.94 -0.10 -13.33
N GLU B 87 3.18 -0.65 -14.26
CA GLU B 87 2.77 -2.03 -14.21
C GLU B 87 3.46 -2.62 -15.39
N GLY B 88 3.52 -3.94 -15.47
CA GLY B 88 4.13 -4.57 -16.62
C GLY B 88 5.58 -4.93 -16.37
N ASN B 89 5.93 -6.16 -16.67
CA ASN B 89 7.26 -6.65 -16.36
C ASN B 89 8.31 -5.66 -16.72
N MET B 90 9.31 -5.55 -15.86
CA MET B 90 10.47 -4.71 -16.09
C MET B 90 10.07 -3.37 -16.57
N CYS B 91 8.85 -2.98 -16.29
CA CYS B 91 8.48 -1.69 -16.77
C CYS B 91 9.46 -0.71 -16.19
N ASN B 92 9.95 -0.97 -14.99
CA ASN B 92 10.87 -0.02 -14.40
C ASN B 92 12.20 0.19 -15.14
N GLU B 93 12.52 -0.70 -16.06
CA GLU B 93 13.72 -0.61 -16.90
C GLU B 93 14.17 0.80 -17.34
N LYS B 94 13.24 1.55 -17.92
CA LYS B 94 13.50 2.93 -18.27
C LYS B 94 12.51 3.86 -17.53
N PHE B 95 12.98 4.97 -17.06
CA PHE B 95 12.00 5.84 -16.49
C PHE B 95 12.14 7.24 -17.07
N SER B 96 11.09 8.06 -17.05
CA SER B 96 11.09 9.42 -17.58
C SER B 96 10.39 10.49 -16.72
N TYR B 97 10.61 11.75 -17.05
CA TYR B 97 10.09 12.87 -16.27
C TYR B 97 9.26 13.87 -17.07
N PHE B 98 8.00 14.13 -16.70
CA PHE B 98 7.18 15.10 -17.42
C PHE B 98 6.10 15.79 -16.59
N PRO B 99 6.47 16.83 -15.86
CA PRO B 99 5.58 17.59 -15.00
C PRO B 99 4.20 17.80 -15.53
N GLU B 100 3.31 18.11 -14.59
CA GLU B 100 1.91 18.38 -14.88
C GLU B 100 1.67 19.88 -15.03
C1 NAG C . -16.47 -11.20 4.21
C2 NAG C . -16.84 -9.75 4.00
C3 NAG C . -17.22 -9.53 2.58
C4 NAG C . -16.20 -10.09 1.64
C5 NAG C . -15.65 -11.43 2.03
C6 NAG C . -14.35 -11.67 1.28
C7 NAG C . -18.03 -7.98 4.95
C8 NAG C . -19.15 -7.47 5.81
N2 NAG C . -17.98 -9.29 4.77
O3 NAG C . -17.25 -8.15 2.41
O4 NAG C . -16.95 -10.22 0.48
O5 NAG C . -15.36 -11.49 3.39
O6 NAG C . -13.57 -12.55 2.05
O7 NAG C . -17.14 -7.25 4.46
C1 NAG C . -16.40 -9.29 -0.44
C2 NAG C . -16.00 -10.03 -1.72
C3 NAG C . -15.26 -9.06 -2.64
C4 NAG C . -16.16 -7.84 -2.94
C5 NAG C . -16.62 -7.26 -1.57
C6 NAG C . -17.38 -5.92 -1.61
C7 NAG C . -15.74 -12.37 -2.09
C8 NAG C . -17.13 -12.82 -1.73
N2 NAG C . -15.27 -11.28 -1.51
O3 NAG C . -14.84 -9.75 -3.79
O4 NAG C . -15.49 -6.93 -3.82
O5 NAG C . -17.30 -8.26 -0.79
O6 NAG C . -16.69 -4.91 -0.86
O7 NAG C . -15.10 -12.99 -2.93
C1 BMA C . -16.34 -6.10 -4.66
C2 BMA C . -15.44 -5.21 -5.53
C3 BMA C . -16.28 -4.27 -6.41
C4 BMA C . -17.39 -5.03 -7.15
C5 BMA C . -18.19 -5.89 -6.15
C6 BMA C . -19.29 -6.71 -6.81
O2 BMA C . -14.51 -5.97 -6.29
O3 BMA C . -15.43 -3.57 -7.31
O4 BMA C . -18.20 -4.15 -7.96
O5 BMA C . -17.31 -6.77 -5.45
O6 BMA C . -19.15 -6.56 -8.21
C1 MAN C . -15.29 -2.21 -6.84
C2 MAN C . -14.57 -1.41 -7.94
C3 MAN C . -13.12 -1.89 -8.00
C4 MAN C . -12.49 -1.68 -6.62
C5 MAN C . -13.29 -2.48 -5.56
C6 MAN C . -12.74 -2.41 -4.13
O2 MAN C . -14.59 -0.02 -7.67
O3 MAN C . -12.45 -1.23 -9.07
O4 MAN C . -11.09 -1.99 -6.60
O5 MAN C . -14.66 -2.08 -5.55
O6 MAN C . -13.57 -3.14 -3.25
C1 BMA C . -19.13 -3.39 -7.13
C2 BMA C . -18.39 -2.46 -6.16
C3 BMA C . -19.30 -2.17 -4.98
C4 BMA C . -20.70 -1.74 -5.49
C5 BMA C . -21.21 -2.42 -6.80
C6 BMA C . -22.35 -1.61 -7.46
O2 BMA C . -17.98 -1.26 -6.82
O3 BMA C . -18.66 -1.23 -4.14
O4 BMA C . -21.65 -1.95 -4.45
O5 BMA C . -20.20 -2.69 -7.76
O6 BMA C . -22.94 -2.39 -8.49
C1 MAN C . -18.77 -7.84 -8.76
C2 MAN C . -17.33 -7.78 -9.33
C3 MAN C . -17.18 -8.06 -10.82
C4 MAN C . -18.38 -8.74 -11.46
C5 MAN C . -19.73 -8.22 -11.00
C6 MAN C . -20.83 -9.13 -11.56
O2 MAN C . -16.44 -8.61 -8.59
O3 MAN C . -16.05 -8.87 -11.08
O4 MAN C . -18.27 -8.50 -12.83
O5 MAN C . -19.81 -8.32 -9.59
O6 MAN C . -21.73 -8.48 -12.44
C1 NAG D . 21.89 -12.03 -5.38
C2 NAG D . 20.47 -11.78 -5.96
C3 NAG D . 19.99 -13.23 -6.18
C4 NAG D . 21.12 -14.16 -5.76
C5 NAG D . 21.38 -13.96 -4.27
C6 NAG D . 22.16 -15.12 -3.68
C7 NAG D . 18.43 -10.11 -5.43
C8 NAG D . 17.81 -9.33 -4.34
N2 NAG D . 19.58 -10.83 -5.16
O3 NAG D . 19.63 -13.51 -7.53
O4 NAG D . 20.76 -15.50 -6.04
O5 NAG D . 22.02 -12.71 -4.13
O6 NAG D . 22.25 -16.10 -4.68
O7 NAG D . 17.82 -10.01 -6.48
C1 NAG E . 16.69 15.27 -15.31
C2 NAG E . 15.48 14.82 -16.09
C3 NAG E . 15.47 15.48 -17.44
C4 NAG E . 15.45 16.98 -17.20
C5 NAG E . 16.77 17.24 -16.48
C6 NAG E . 17.23 18.68 -16.30
C7 NAG E . 14.78 12.64 -15.60
C8 NAG E . 15.06 12.21 -14.22
N2 NAG E . 15.65 13.41 -16.20
O3 NAG E . 14.33 15.10 -18.15
O4 NAG E . 15.26 17.66 -18.42
O5 NAG E . 16.63 16.66 -15.19
O6 NAG E . 18.20 18.71 -15.27
O7 NAG E . 13.75 12.29 -16.14
#